data_2XZO
#
_entry.id   2XZO
#
_cell.length_a   77.066
_cell.length_b   101.896
_cell.length_c   112.320
_cell.angle_alpha   90.00
_cell.angle_beta   90.00
_cell.angle_gamma   90.00
#
_symmetry.space_group_name_H-M   'P 21 21 21'
#
loop_
_entity.id
_entity.type
_entity.pdbx_description
1 polymer 'REGULATOR OF NONSENSE TRANSCRIPTS 1'
2 polymer "5'-R(*UP*UP*UP*UP*UP*UP*UP)-3'"
3 non-polymer 'PENTAETHYLENE GLYCOL'
4 non-polymer "ADENOSINE-5'-DIPHOSPHATE"
5 non-polymer 'TETRAFLUOROALUMINATE ION'
6 non-polymer 'MAGNESIUM ION'
7 water water
#
loop_
_entity_poly.entity_id
_entity_poly.type
_entity_poly.pdbx_seq_one_letter_code
_entity_poly.pdbx_strand_id
1 'polypeptide(L)'
;GHMRYEDAYQYQNIFGPLVKLEADYDKKLKESQTQDNITVRWDLGLNKKRIAYFTLPKTDSDMRLMQGDEICLRYKGDLA
PLWKGIGHVIKVPDNYGDEIAIELRSSVGAPVEVTHNFQVDFVWKSTSFDRMQSALKTFAVDETSVSGYIYHKLLGHEVE
DVIIKCQLPKRFTAQGLPDLNHSQVYAVKTVLQRPLSLIQGPPGTGKTVTSATIVYHLARQGNGPVLVCAPSNIAVDQLT
EKIHQTGLKVVRLCAKSREAIDSPVSFLALHNQIRNMDSMPELQKLQQLKDETGELSSADEKRYRALKRTAERELLMNAD
VICCTCVGAGDPRLAKMQFRSILIDESTQATEPECMVPVVLGAKQLILVGDHCQLGPVVMCKKAAKAGLSQSLFERLVVL
GIRPIRLQVQYRMHPALSAFPSNIFYEGSLQNGVTAADRVKKGFDFQWPQPDKPMFFYVTQGQEEIASSGTSYLNRTEAA
NVEKITTKLLKAGAKPDQIGIITPYEGQRSYLVQYMQFSGSLHTKLYQEVEIASVDAFQGREKDFIILSCVRANEHQGIG
FLNDPRRLNVALTRARYGVIIVGNPKALSKQPLWNHLLNYYKEQKVLVEGPLNNLRESLMQFS
;
A
2 'polyribonucleotide' UUUUUUU D
#
# COMPACT_ATOMS: atom_id res chain seq x y z
N GLY A 1 1.76 11.72 -30.03
CA GLY A 1 1.37 10.73 -31.02
C GLY A 1 1.50 9.30 -30.51
N HIS A 2 0.39 8.57 -30.50
CA HIS A 2 -0.87 9.03 -31.07
C HIS A 2 -1.73 9.92 -30.14
N MET A 3 -1.83 9.54 -28.87
CA MET A 3 -2.51 10.40 -27.90
C MET A 3 -1.64 11.64 -27.63
N ARG A 4 -2.20 12.81 -27.85
CA ARG A 4 -1.47 14.05 -27.65
C ARG A 4 -2.37 15.03 -26.88
N TYR A 5 -1.74 15.97 -26.19
CA TYR A 5 -2.46 17.06 -25.56
C TYR A 5 -1.85 18.35 -26.03
N GLU A 6 -2.69 19.31 -26.41
CA GLU A 6 -2.20 20.58 -26.89
C GLU A 6 -1.33 21.26 -25.83
N ASP A 7 -1.77 21.19 -24.59
CA ASP A 7 -1.04 21.82 -23.50
C ASP A 7 -1.50 21.24 -22.16
N ALA A 8 -0.96 21.72 -21.06
CA ALA A 8 -1.29 21.10 -19.78
C ALA A 8 -2.67 21.53 -19.31
N TYR A 9 -3.24 22.57 -19.93
CA TYR A 9 -4.60 22.98 -19.60
C TYR A 9 -5.61 21.97 -20.15
N GLN A 10 -5.42 21.55 -21.39
CA GLN A 10 -6.26 20.54 -21.99
C GLN A 10 -6.15 19.21 -21.23
N TYR A 11 -4.93 18.89 -20.84
CA TYR A 11 -4.65 17.67 -20.09
C TYR A 11 -5.40 17.69 -18.76
N GLN A 12 -5.35 18.81 -18.07
CA GLN A 12 -6.08 18.94 -16.82
C GLN A 12 -7.60 18.88 -17.05
N ASN A 13 -8.05 19.43 -18.18
CA ASN A 13 -9.47 19.42 -18.47
C ASN A 13 -9.99 18.02 -18.82
N ILE A 14 -9.06 17.10 -19.05
CA ILE A 14 -9.44 15.71 -19.28
C ILE A 14 -9.34 14.85 -17.99
N PHE A 15 -8.25 14.97 -17.27
CA PHE A 15 -8.03 14.17 -16.06
C PHE A 15 -8.74 14.76 -14.85
N GLY A 16 -8.80 16.08 -14.77
CA GLY A 16 -9.53 16.74 -13.69
C GLY A 16 -10.92 16.16 -13.52
N PRO A 17 -11.71 16.18 -14.61
CA PRO A 17 -13.08 15.64 -14.57
C PRO A 17 -13.12 14.15 -14.28
N LEU A 18 -12.18 13.36 -14.80
CA LEU A 18 -12.12 11.93 -14.48
C LEU A 18 -11.97 11.70 -12.97
N VAL A 19 -11.11 12.50 -12.35
CA VAL A 19 -10.84 12.37 -10.93
C VAL A 19 -12.07 12.74 -10.12
N LYS A 20 -12.81 13.76 -10.60
CA LYS A 20 -14.03 14.20 -9.95
C LYS A 20 -15.10 13.09 -9.96
N LEU A 21 -15.25 12.42 -11.10
CA LEU A 21 -16.14 11.27 -11.19
C LEU A 21 -15.83 10.23 -10.13
N GLU A 22 -14.55 9.88 -10.04
CA GLU A 22 -14.13 8.82 -9.12
C GLU A 22 -14.30 9.28 -7.69
N ALA A 23 -13.99 10.54 -7.41
CA ALA A 23 -14.15 11.10 -6.07
C ALA A 23 -15.61 11.11 -5.63
N ASP A 24 -16.48 11.66 -6.48
CA ASP A 24 -17.90 11.79 -6.16
C ASP A 24 -18.53 10.43 -5.95
N TYR A 25 -18.11 9.47 -6.78
CA TYR A 25 -18.61 8.12 -6.70
C TYR A 25 -18.18 7.44 -5.41
N ASP A 26 -16.91 7.57 -5.03
CA ASP A 26 -16.39 6.97 -3.79
C ASP A 26 -17.07 7.57 -2.56
N LYS A 27 -17.24 8.89 -2.56
CA LYS A 27 -17.92 9.58 -1.48
C LYS A 27 -19.30 8.96 -1.27
N LYS A 28 -20.10 8.93 -2.35
CA LYS A 28 -21.45 8.38 -2.32
C LYS A 28 -21.42 6.92 -1.87
N LEU A 29 -20.40 6.20 -2.30
CA LEU A 29 -20.30 4.77 -2.05
C LEU A 29 -19.89 4.42 -0.61
N LYS A 30 -19.08 5.28 -0.01
CA LYS A 30 -18.51 5.00 1.30
C LYS A 30 -19.25 5.76 2.40
N GLU A 31 -20.16 6.64 2.02
CA GLU A 31 -20.90 7.39 3.03
C GLU A 31 -22.16 6.66 3.48
N SER A 32 -22.28 6.52 4.79
CA SER A 32 -23.44 5.91 5.40
C SER A 32 -23.91 6.78 6.54
N GLN A 33 -25.14 6.54 6.98
CA GLN A 33 -25.72 7.32 8.06
C GLN A 33 -26.66 6.46 8.89
N THR A 34 -26.83 6.85 10.14
CA THR A 34 -27.79 6.21 11.02
C THR A 34 -29.17 6.78 10.74
N GLN A 35 -30.18 6.25 11.41
CA GLN A 35 -31.47 6.90 11.41
C GLN A 35 -31.35 8.15 12.29
N ASP A 36 -32.29 9.08 12.16
CA ASP A 36 -32.26 10.31 12.95
C ASP A 36 -32.78 10.13 14.38
N ASN A 37 -32.61 8.92 14.93
CA ASN A 37 -33.14 8.59 16.25
C ASN A 37 -32.09 8.10 17.25
N ILE A 38 -30.91 8.69 17.20
CA ILE A 38 -29.80 8.29 18.08
C ILE A 38 -29.89 9.07 19.37
N THR A 39 -29.59 8.41 20.48
CA THR A 39 -29.61 9.06 21.78
C THR A 39 -28.18 9.42 22.19
N VAL A 40 -27.97 10.66 22.58
CA VAL A 40 -26.65 11.17 22.88
C VAL A 40 -26.50 11.48 24.36
N ARG A 41 -25.29 11.29 24.87
CA ARG A 41 -24.94 11.70 26.23
C ARG A 41 -23.82 12.71 26.10
N TRP A 42 -24.01 13.89 26.67
CA TRP A 42 -23.05 14.97 26.53
C TRP A 42 -22.08 15.02 27.70
N ASP A 43 -20.87 15.52 27.44
CA ASP A 43 -19.88 15.68 28.50
C ASP A 43 -18.79 16.65 28.07
N LEU A 44 -17.83 16.88 28.95
CA LEU A 44 -16.63 17.65 28.63
C LEU A 44 -15.42 16.83 28.96
N GLY A 45 -14.44 16.85 28.05
CA GLY A 45 -13.15 16.26 28.32
C GLY A 45 -12.46 17.07 29.39
N LEU A 46 -11.29 16.62 29.81
CA LEU A 46 -10.53 17.33 30.83
C LEU A 46 -10.04 18.66 30.26
N ASN A 47 -9.69 18.63 28.98
CA ASN A 47 -9.22 19.79 28.24
C ASN A 47 -10.36 20.72 27.79
N LYS A 48 -11.55 20.47 28.31
CA LYS A 48 -12.71 21.31 28.06
C LYS A 48 -13.28 21.22 26.63
N LYS A 49 -12.89 20.19 25.88
CA LYS A 49 -13.53 19.91 24.60
C LYS A 49 -14.90 19.25 24.82
N ARG A 50 -15.80 19.39 23.85
CA ARG A 50 -17.16 18.87 23.99
C ARG A 50 -17.31 17.45 23.40
N ILE A 51 -17.87 16.54 24.20
CA ILE A 51 -17.96 15.13 23.81
C ILE A 51 -19.40 14.59 23.78
N ALA A 52 -19.67 13.73 22.81
CA ALA A 52 -20.97 13.08 22.71
C ALA A 52 -20.76 11.57 22.75
N TYR A 53 -21.49 10.89 23.62
CA TYR A 53 -21.40 9.43 23.70
C TYR A 53 -22.68 8.84 23.17
N PHE A 54 -22.57 7.76 22.40
CA PHE A 54 -23.75 7.11 21.89
C PHE A 54 -23.53 5.63 21.56
N THR A 55 -24.61 4.86 21.56
CA THR A 55 -24.55 3.45 21.22
C THR A 55 -25.25 3.25 19.88
N LEU A 56 -24.79 2.27 19.11
CA LEU A 56 -25.38 1.97 17.81
C LEU A 56 -25.91 0.54 17.73
N PRO A 57 -27.21 0.41 17.41
CA PRO A 57 -27.87 -0.90 17.18
C PRO A 57 -27.05 -1.85 16.32
N ARG A 64 -20.80 1.07 11.28
CA ARG A 64 -19.49 0.46 11.51
C ARG A 64 -18.35 1.48 11.45
N LEU A 65 -18.21 2.26 12.52
CA LEU A 65 -17.19 3.31 12.60
C LEU A 65 -15.82 2.77 13.07
N MET A 66 -14.78 3.57 12.88
CA MET A 66 -13.43 3.19 13.26
C MET A 66 -12.79 4.39 13.94
N GLN A 67 -11.78 4.14 14.76
CA GLN A 67 -11.10 5.22 15.47
C GLN A 67 -10.63 6.28 14.48
N GLY A 68 -10.71 7.54 14.89
CA GLY A 68 -10.21 8.65 14.09
C GLY A 68 -11.10 9.05 12.91
N ASP A 69 -12.16 8.28 12.65
CA ASP A 69 -13.09 8.65 11.60
C ASP A 69 -13.68 10.02 11.90
N GLU A 70 -14.06 10.74 10.85
CA GLU A 70 -14.69 12.03 10.99
C GLU A 70 -16.19 11.78 10.83
N ILE A 71 -17.01 12.41 11.66
CA ILE A 71 -18.44 12.25 11.49
C ILE A 71 -19.14 13.59 11.65
N CYS A 72 -20.33 13.66 11.09
CA CYS A 72 -21.17 14.81 11.30
C CYS A 72 -22.31 14.39 12.23
N LEU A 73 -22.46 15.10 13.34
CA LEU A 73 -23.57 14.89 14.25
C LEU A 73 -24.62 15.95 13.97
N ARG A 74 -25.82 15.53 13.58
CA ARG A 74 -26.92 16.46 13.35
C ARG A 74 -27.99 16.32 14.43
N TYR A 75 -28.56 17.45 14.85
CA TYR A 75 -29.75 17.41 15.67
C TYR A 75 -30.95 17.69 14.79
N LYS A 76 -31.90 16.75 14.76
CA LYS A 76 -33.07 16.88 13.90
C LYS A 76 -34.39 17.06 14.67
N GLY A 77 -34.28 17.21 15.98
CA GLY A 77 -35.46 17.41 16.81
C GLY A 77 -35.98 18.84 16.79
N ASP A 78 -36.99 19.10 17.61
CA ASP A 78 -37.63 20.42 17.64
C ASP A 78 -37.57 21.04 19.04
N LEU A 79 -36.67 20.54 19.89
CA LEU A 79 -36.57 21.05 21.25
C LEU A 79 -35.43 22.03 21.37
N ALA A 80 -34.80 22.30 20.22
CA ALA A 80 -33.70 23.24 20.12
C ALA A 80 -33.57 23.56 18.64
N PRO A 81 -32.81 24.61 18.29
CA PRO A 81 -32.64 24.91 16.87
C PRO A 81 -31.92 23.77 16.14
N LEU A 82 -32.30 23.50 14.89
CA LEU A 82 -31.58 22.51 14.09
C LEU A 82 -30.09 22.81 14.12
N TRP A 83 -29.28 21.75 14.13
CA TRP A 83 -27.85 21.91 14.38
C TRP A 83 -27.05 20.75 13.79
N LYS A 84 -25.83 21.05 13.38
CA LYS A 84 -24.91 20.03 12.90
C LYS A 84 -23.51 20.40 13.32
N GLY A 85 -22.70 19.40 13.63
CA GLY A 85 -21.35 19.65 14.08
C GLY A 85 -20.45 18.53 13.63
N ILE A 86 -19.22 18.88 13.27
CA ILE A 86 -18.25 17.89 12.85
C ILE A 86 -17.39 17.50 14.04
N GLY A 87 -17.02 16.22 14.09
CA GLY A 87 -16.16 15.74 15.14
C GLY A 87 -15.51 14.46 14.70
N HIS A 88 -14.70 13.88 15.58
CA HIS A 88 -13.99 12.66 15.24
C HIS A 88 -14.09 11.61 16.34
N VAL A 89 -14.10 10.34 15.91
CA VAL A 89 -14.24 9.21 16.82
C VAL A 89 -13.01 9.11 17.70
N ILE A 90 -13.20 9.16 19.01
CA ILE A 90 -12.09 9.00 19.96
C ILE A 90 -12.23 7.73 20.79
N LYS A 91 -13.37 7.06 20.64
CA LYS A 91 -13.60 5.78 21.31
C LYS A 91 -14.54 4.96 20.48
N VAL A 92 -14.26 3.67 20.34
CA VAL A 92 -15.20 2.76 19.70
C VAL A 92 -15.59 1.67 20.70
N PRO A 93 -16.63 0.86 20.38
CA PRO A 93 -17.02 -0.22 21.30
C PRO A 93 -15.83 -1.13 21.59
N ASP A 94 -15.58 -1.39 22.86
CA ASP A 94 -14.43 -2.18 23.26
C ASP A 94 -14.64 -2.79 24.64
N ASN A 95 -13.55 -2.97 25.38
CA ASN A 95 -13.60 -3.67 26.65
C ASN A 95 -14.06 -2.76 27.78
N TYR A 96 -14.33 -1.50 27.44
CA TYR A 96 -14.85 -0.54 28.39
C TYR A 96 -16.35 -0.36 28.16
N GLY A 97 -16.85 -0.87 27.04
CA GLY A 97 -18.26 -0.77 26.75
C GLY A 97 -18.56 -0.49 25.29
N ASP A 98 -19.85 -0.50 24.95
CA ASP A 98 -20.27 -0.35 23.56
C ASP A 98 -20.52 1.10 23.17
N GLU A 99 -20.05 2.04 23.99
CA GLU A 99 -20.23 3.45 23.68
C GLU A 99 -19.23 3.95 22.64
N ILE A 100 -19.77 4.63 21.63
CA ILE A 100 -18.97 5.40 20.72
C ILE A 100 -18.91 6.82 21.25
N ALA A 101 -17.73 7.41 21.24
CA ALA A 101 -17.55 8.78 21.65
C ALA A 101 -16.97 9.58 20.49
N ILE A 102 -17.42 10.82 20.33
CA ILE A 102 -16.80 11.72 19.37
C ILE A 102 -16.50 13.05 20.03
N GLU A 103 -15.35 13.62 19.70
CA GLU A 103 -14.98 14.93 20.18
C GLU A 103 -15.33 15.93 19.07
N LEU A 104 -16.07 16.98 19.41
CA LEU A 104 -16.46 17.97 18.41
C LEU A 104 -15.34 18.97 18.20
N ARG A 105 -15.16 19.41 16.95
CA ARG A 105 -14.24 20.50 16.64
C ARG A 105 -14.54 21.73 17.48
N SER A 106 -15.82 22.08 17.58
CA SER A 106 -16.21 23.32 18.27
C SER A 106 -17.21 23.04 19.39
N SER A 107 -16.86 23.48 20.59
CA SER A 107 -17.67 23.18 21.78
C SER A 107 -19.04 23.86 21.82
N VAL A 108 -19.20 24.94 21.05
CA VAL A 108 -20.46 25.69 21.05
C VAL A 108 -20.83 26.13 19.65
N GLY A 109 -22.12 26.32 19.40
CA GLY A 109 -23.15 26.14 20.40
C GLY A 109 -23.85 24.80 20.24
N ALA A 110 -23.23 23.75 20.77
CA ALA A 110 -23.83 22.41 20.75
C ALA A 110 -25.11 22.36 21.59
N PRO A 111 -26.13 21.65 21.09
CA PRO A 111 -27.39 21.52 21.82
C PRO A 111 -27.27 20.47 22.93
N VAL A 112 -26.57 20.83 24.00
CA VAL A 112 -26.24 19.90 25.08
C VAL A 112 -27.43 19.66 26.02
N GLU A 113 -28.47 20.47 25.87
CA GLU A 113 -29.64 20.37 26.72
C GLU A 113 -30.62 19.28 26.22
N VAL A 114 -30.41 18.81 25.00
CA VAL A 114 -31.21 17.71 24.44
C VAL A 114 -30.37 16.45 24.17
N THR A 115 -31.03 15.30 24.09
CA THR A 115 -30.36 14.00 24.01
C THR A 115 -30.94 13.06 22.93
N HIS A 116 -32.13 13.38 22.45
CA HIS A 116 -32.81 12.52 21.49
C HIS A 116 -32.95 13.19 20.12
N ASN A 117 -33.08 12.37 19.07
CA ASN A 117 -33.35 12.86 17.71
C ASN A 117 -32.08 13.34 17.02
N PHE A 118 -30.97 12.70 17.34
CA PHE A 118 -29.72 12.96 16.66
C PHE A 118 -29.48 12.00 15.53
N GLN A 119 -28.59 12.39 14.63
CA GLN A 119 -28.21 11.55 13.52
C GLN A 119 -26.69 11.60 13.36
N VAL A 120 -26.10 10.46 13.05
CA VAL A 120 -24.66 10.40 12.84
C VAL A 120 -24.33 10.01 11.39
N ASP A 121 -23.62 10.90 10.70
CA ASP A 121 -23.15 10.59 9.34
C ASP A 121 -21.65 10.39 9.34
N PHE A 122 -21.21 9.30 8.75
CA PHE A 122 -19.78 9.11 8.48
C PHE A 122 -19.34 10.11 7.39
N VAL A 123 -18.28 10.85 7.65
CA VAL A 123 -17.75 11.78 6.65
C VAL A 123 -16.53 11.21 5.89
N TRP A 124 -16.71 11.00 4.58
CA TRP A 124 -15.64 10.52 3.71
C TRP A 124 -14.56 11.60 3.56
N LYS A 125 -13.30 11.19 3.73
CA LYS A 125 -12.17 12.12 3.66
C LYS A 125 -11.71 12.26 2.20
N SER A 126 -11.54 13.51 1.75
CA SER A 126 -11.35 13.79 0.33
C SER A 126 -9.91 14.17 0.01
N THR A 127 -9.05 14.12 1.01
CA THR A 127 -7.68 14.61 0.97
C THR A 127 -6.86 14.07 -0.18
N SER A 128 -7.00 12.77 -0.42
CA SER A 128 -6.20 12.11 -1.42
C SER A 128 -6.56 12.61 -2.83
N PHE A 129 -7.85 12.74 -3.12
CA PHE A 129 -8.32 13.32 -4.39
C PHE A 129 -8.06 14.82 -4.52
N ASP A 130 -8.16 15.55 -3.41
CA ASP A 130 -7.81 16.97 -3.40
C ASP A 130 -6.38 17.16 -3.88
N ARG A 131 -5.46 16.35 -3.35
CA ARG A 131 -4.08 16.44 -3.76
C ARG A 131 -3.89 16.12 -5.24
N MET A 132 -4.66 15.19 -5.78
CA MET A 132 -4.61 14.89 -7.21
C MET A 132 -5.16 16.05 -8.02
N GLN A 133 -6.29 16.62 -7.61
CA GLN A 133 -6.84 17.79 -8.34
C GLN A 133 -5.85 18.91 -8.29
N SER A 134 -5.27 19.13 -7.12
CA SER A 134 -4.32 20.20 -6.92
C SER A 134 -3.06 20.04 -7.79
N ALA A 135 -2.52 18.81 -7.85
CA ALA A 135 -1.38 18.49 -8.71
C ALA A 135 -1.67 18.74 -10.19
N LEU A 136 -2.87 18.37 -10.63
CA LEU A 136 -3.25 18.60 -12.03
C LEU A 136 -3.31 20.10 -12.32
N LYS A 137 -3.76 20.88 -11.35
CA LYS A 137 -3.89 22.30 -11.57
C LYS A 137 -2.49 22.93 -11.64
N THR A 138 -1.60 22.47 -10.77
CA THR A 138 -0.25 22.99 -10.72
C THR A 138 0.49 22.72 -12.04
N PHE A 139 0.22 21.56 -12.63
CA PHE A 139 0.83 21.17 -13.88
C PHE A 139 0.41 22.14 -14.99
N ALA A 140 -0.85 22.52 -14.98
CA ALA A 140 -1.40 23.42 -15.99
C ALA A 140 -1.00 24.89 -15.78
N VAL A 141 -0.96 25.35 -14.54
CA VAL A 141 -0.78 26.78 -14.32
C VAL A 141 0.66 27.20 -14.06
N ASP A 142 1.48 26.27 -13.57
CA ASP A 142 2.85 26.61 -13.20
C ASP A 142 3.87 25.84 -14.03
N GLU A 143 4.53 26.56 -14.94
CA GLU A 143 5.42 25.92 -15.92
C GLU A 143 6.78 25.58 -15.35
N THR A 144 7.01 25.95 -14.10
CA THR A 144 8.27 25.63 -13.47
C THR A 144 8.16 24.32 -12.69
N SER A 145 6.96 23.73 -12.68
CA SER A 145 6.72 22.51 -11.89
C SER A 145 7.34 21.25 -12.52
N VAL A 146 7.62 21.27 -13.81
CA VAL A 146 8.42 20.21 -14.45
C VAL A 146 9.27 20.87 -15.52
N SER A 147 10.34 20.21 -15.94
CA SER A 147 11.21 20.77 -16.96
C SER A 147 10.46 20.86 -18.30
N GLY A 148 10.88 21.78 -19.16
CA GLY A 148 10.32 21.89 -20.49
C GLY A 148 10.31 20.56 -21.22
N TYR A 149 11.41 19.80 -21.09
CA TYR A 149 11.49 18.51 -21.75
C TYR A 149 10.39 17.55 -21.27
N ILE A 150 10.29 17.40 -19.96
CA ILE A 150 9.30 16.48 -19.40
C ILE A 150 7.86 16.90 -19.71
N TYR A 151 7.59 18.21 -19.66
CA TYR A 151 6.30 18.75 -20.08
C TYR A 151 5.95 18.27 -21.50
N HIS A 152 6.86 18.46 -22.44
CA HIS A 152 6.62 18.00 -23.81
C HIS A 152 6.46 16.49 -23.91
N LYS A 153 7.34 15.73 -23.26
CA LYS A 153 7.22 14.26 -23.28
C LYS A 153 5.89 13.78 -22.69
N LEU A 154 5.55 14.24 -21.50
CA LEU A 154 4.27 13.86 -20.90
C LEU A 154 3.04 14.22 -21.74
N LEU A 155 3.14 15.25 -22.56
CA LEU A 155 1.98 15.68 -23.34
C LEU A 155 1.91 15.03 -24.71
N GLY A 156 2.90 14.19 -25.02
CA GLY A 156 2.91 13.49 -26.30
C GLY A 156 3.42 14.34 -27.46
N HIS A 157 4.10 15.43 -27.15
CA HIS A 157 4.73 16.27 -28.16
C HIS A 157 6.00 15.62 -28.72
N GLU A 158 6.33 15.94 -29.97
CA GLU A 158 7.59 15.51 -30.52
C GLU A 158 8.68 16.40 -29.98
N VAL A 159 9.77 15.79 -29.53
CA VAL A 159 10.90 16.53 -28.97
C VAL A 159 12.14 15.65 -29.04
N GLU A 160 13.26 16.23 -29.46
CA GLU A 160 14.50 15.48 -29.57
C GLU A 160 14.95 14.95 -28.21
N ASP A 161 15.42 13.70 -28.21
CA ASP A 161 16.02 13.07 -27.04
C ASP A 161 17.13 13.93 -26.45
N VAL A 162 17.13 14.06 -25.13
CA VAL A 162 18.12 14.85 -24.42
C VAL A 162 19.01 13.92 -23.59
N ILE A 163 20.29 14.24 -23.54
CA ILE A 163 21.23 13.47 -22.75
C ILE A 163 21.70 14.27 -21.55
N ILE A 164 21.45 13.74 -20.36
CA ILE A 164 21.97 14.35 -19.15
C ILE A 164 23.44 14.00 -18.96
N LYS A 165 24.29 15.02 -18.90
CA LYS A 165 25.75 14.81 -18.86
C LYS A 165 26.29 14.80 -17.43
N CYS A 166 25.81 13.88 -16.60
CA CYS A 166 26.27 13.77 -15.21
C CYS A 166 27.63 13.08 -15.13
N GLN A 167 28.25 13.11 -13.96
CA GLN A 167 29.44 12.28 -13.72
C GLN A 167 29.00 10.87 -13.31
N LEU A 168 29.27 9.89 -14.16
CA LEU A 168 28.98 8.49 -13.85
C LEU A 168 29.82 7.97 -12.69
N PRO A 169 29.21 7.11 -11.84
CA PRO A 169 29.91 6.54 -10.69
C PRO A 169 31.03 5.59 -11.13
N LYS A 170 31.93 5.30 -10.20
CA LYS A 170 32.99 4.35 -10.48
C LYS A 170 32.38 2.97 -10.70
N ARG A 171 31.49 2.59 -9.80
CA ARG A 171 30.77 1.33 -9.91
C ARG A 171 29.29 1.65 -9.92
N PHE A 172 28.54 0.96 -10.77
CA PHE A 172 27.09 1.09 -10.74
C PHE A 172 26.47 0.33 -9.56
N THR A 173 27.01 -0.83 -9.26
CA THR A 173 26.48 -1.62 -8.16
C THR A 173 26.86 -0.91 -6.86
N ALA A 174 25.98 -0.95 -5.86
CA ALA A 174 26.18 -0.14 -4.66
C ALA A 174 26.44 -1.01 -3.43
N GLN A 175 27.39 -0.61 -2.58
CA GLN A 175 27.66 -1.35 -1.36
C GLN A 175 26.42 -1.39 -0.48
N GLY A 176 26.15 -2.55 0.12
CA GLY A 176 24.98 -2.74 0.97
C GLY A 176 23.87 -3.48 0.25
N LEU A 177 23.93 -3.49 -1.08
CA LEU A 177 22.91 -4.15 -1.89
C LEU A 177 23.56 -5.25 -2.71
N PRO A 178 22.74 -6.16 -3.27
CA PRO A 178 23.26 -7.24 -4.13
C PRO A 178 24.06 -6.74 -5.34
N ASP A 179 25.02 -7.54 -5.79
CA ASP A 179 25.76 -7.22 -6.99
C ASP A 179 24.84 -7.28 -8.21
N LEU A 180 24.69 -6.15 -8.89
CA LEU A 180 23.80 -6.05 -10.02
C LEU A 180 24.26 -7.00 -11.13
N ASN A 181 23.30 -7.67 -11.76
CA ASN A 181 23.59 -8.45 -12.96
C ASN A 181 23.71 -7.50 -14.15
N HIS A 182 24.05 -8.02 -15.33
CA HIS A 182 24.32 -7.17 -16.49
C HIS A 182 23.14 -6.27 -16.87
N SER A 183 21.91 -6.80 -16.79
CA SER A 183 20.72 -6.02 -17.19
C SER A 183 20.40 -4.86 -16.25
N GLN A 184 20.68 -5.08 -14.98
CA GLN A 184 20.45 -4.09 -13.94
C GLN A 184 21.51 -3.00 -14.03
N VAL A 185 22.76 -3.42 -14.26
CA VAL A 185 23.85 -2.47 -14.50
C VAL A 185 23.50 -1.58 -15.68
N TYR A 186 23.09 -2.21 -16.79
CA TYR A 186 22.65 -1.46 -17.95
C TYR A 186 21.51 -0.51 -17.58
N ALA A 187 20.57 -0.98 -16.78
CA ALA A 187 19.43 -0.17 -16.41
C ALA A 187 19.83 1.08 -15.62
N VAL A 188 20.79 0.91 -14.70
CA VAL A 188 21.25 2.00 -13.85
C VAL A 188 22.03 3.01 -14.69
N LYS A 189 23.03 2.51 -15.39
CA LYS A 189 23.87 3.31 -16.27
C LYS A 189 23.08 4.14 -17.27
N THR A 190 22.04 3.56 -17.86
CA THR A 190 21.21 4.26 -18.84
C THR A 190 20.28 5.32 -18.24
N VAL A 191 19.65 4.97 -17.13
CA VAL A 191 18.69 5.84 -16.47
C VAL A 191 19.33 7.15 -15.99
N LEU A 192 20.53 7.05 -15.44
CA LEU A 192 21.26 8.22 -14.95
C LEU A 192 21.43 9.28 -16.03
N GLN A 193 21.41 8.88 -17.28
CA GLN A 193 21.71 9.78 -18.39
C GLN A 193 20.49 10.27 -19.17
N ARG A 194 19.30 9.82 -18.82
CA ARG A 194 18.10 10.27 -19.51
C ARG A 194 17.20 11.05 -18.55
N PRO A 195 16.40 11.97 -19.08
CA PRO A 195 15.46 12.75 -18.28
C PRO A 195 14.22 11.93 -17.88
N LEU A 196 13.85 10.98 -18.73
CA LEU A 196 12.68 10.16 -18.50
C LEU A 196 13.01 8.70 -18.82
N SER A 197 12.75 7.82 -17.87
CA SER A 197 13.02 6.39 -18.07
C SER A 197 11.93 5.55 -17.45
N LEU A 198 11.59 4.46 -18.15
CA LEU A 198 10.68 3.45 -17.63
C LEU A 198 11.44 2.16 -17.41
N ILE A 199 11.23 1.56 -16.26
CA ILE A 199 11.81 0.26 -15.99
C ILE A 199 10.71 -0.75 -15.76
N GLN A 200 10.82 -1.88 -16.45
CA GLN A 200 9.77 -2.90 -16.48
C GLN A 200 10.34 -4.31 -16.24
N GLY A 201 9.55 -5.17 -15.60
CA GLY A 201 9.97 -6.54 -15.39
C GLY A 201 9.04 -7.35 -14.50
N PRO A 202 9.01 -8.66 -14.70
CA PRO A 202 8.18 -9.56 -13.87
C PRO A 202 8.58 -9.49 -12.40
N PRO A 203 7.82 -10.16 -11.52
CA PRO A 203 8.08 -10.08 -10.08
C PRO A 203 9.46 -10.60 -9.73
N GLY A 204 10.11 -9.91 -8.79
CA GLY A 204 11.37 -10.40 -8.22
C GLY A 204 12.60 -10.28 -9.09
N THR A 205 12.53 -9.44 -10.12
CA THR A 205 13.65 -9.28 -11.03
C THR A 205 14.61 -8.17 -10.55
N GLY A 206 14.37 -7.67 -9.34
CA GLY A 206 15.22 -6.64 -8.78
C GLY A 206 14.91 -5.22 -9.25
N LYS A 207 13.67 -4.96 -9.60
CA LYS A 207 13.29 -3.60 -9.95
C LYS A 207 13.52 -2.68 -8.76
N THR A 208 13.17 -3.14 -7.57
CA THR A 208 13.35 -2.30 -6.39
C THR A 208 14.82 -2.20 -5.98
N VAL A 209 15.56 -3.30 -6.10
CA VAL A 209 17.00 -3.24 -5.90
C VAL A 209 17.62 -2.21 -6.85
N THR A 210 17.26 -2.30 -8.11
CA THR A 210 17.79 -1.41 -9.12
C THR A 210 17.41 0.05 -8.83
N SER A 211 16.15 0.28 -8.45
CA SER A 211 15.68 1.61 -8.05
C SER A 211 16.54 2.17 -6.92
N ALA A 212 16.77 1.35 -5.88
CA ALA A 212 17.57 1.80 -4.74
C ALA A 212 18.99 2.18 -5.18
N THR A 213 19.53 1.42 -6.11
CA THR A 213 20.87 1.70 -6.62
C THR A 213 20.90 3.01 -7.43
N ILE A 214 19.88 3.24 -8.24
CA ILE A 214 19.74 4.50 -8.95
C ILE A 214 19.61 5.70 -7.99
N VAL A 215 18.70 5.59 -7.04
CA VAL A 215 18.50 6.66 -6.05
C VAL A 215 19.80 6.97 -5.31
N TYR A 216 20.53 5.93 -4.92
CA TYR A 216 21.85 6.08 -4.32
C TYR A 216 22.80 6.96 -5.15
N HIS A 217 22.93 6.68 -6.45
CA HIS A 217 23.81 7.50 -7.29
C HIS A 217 23.29 8.93 -7.50
N LEU A 218 21.98 9.10 -7.65
CA LEU A 218 21.40 10.44 -7.83
C LEU A 218 21.65 11.28 -6.58
N ALA A 219 21.57 10.64 -5.42
CA ALA A 219 21.79 11.32 -4.15
C ALA A 219 23.25 11.74 -4.00
N ARG A 220 24.17 10.89 -4.45
CA ARG A 220 25.60 11.18 -4.34
C ARG A 220 26.08 12.28 -5.26
N GLN A 221 25.29 12.65 -6.26
CA GLN A 221 25.58 13.82 -7.10
C GLN A 221 25.59 15.08 -6.24
N GLY A 222 25.11 14.97 -5.00
CA GLY A 222 25.15 16.05 -4.05
C GLY A 222 24.33 17.30 -4.38
N ASN A 223 23.27 17.18 -5.18
CA ASN A 223 22.52 18.35 -5.63
C ASN A 223 21.17 18.55 -4.98
N GLY A 224 21.02 18.06 -3.75
CA GLY A 224 19.74 18.11 -3.07
C GLY A 224 19.16 16.72 -2.95
N PRO A 225 18.23 16.55 -2.01
CA PRO A 225 17.60 15.24 -1.74
C PRO A 225 16.84 14.71 -2.95
N VAL A 226 16.93 13.40 -3.18
CA VAL A 226 16.12 12.74 -4.19
C VAL A 226 14.72 12.45 -3.61
N LEU A 227 13.66 12.69 -4.38
CA LEU A 227 12.32 12.26 -3.95
C LEU A 227 12.01 10.86 -4.50
N VAL A 228 11.53 9.99 -3.60
CA VAL A 228 11.23 8.60 -3.92
C VAL A 228 9.84 8.21 -3.42
N CYS A 229 9.01 7.71 -4.33
CA CYS A 229 7.64 7.36 -3.96
C CYS A 229 7.19 5.98 -4.47
N ALA A 230 6.05 5.55 -3.96
CA ALA A 230 5.32 4.41 -4.47
C ALA A 230 3.89 4.68 -4.03
N PRO A 231 2.93 3.98 -4.63
CA PRO A 231 1.53 4.27 -4.27
C PRO A 231 1.10 3.78 -2.87
N SER A 232 1.61 2.64 -2.45
CA SER A 232 1.17 2.09 -1.18
C SER A 232 2.27 2.17 -0.13
N ASN A 233 1.86 2.34 1.12
CA ASN A 233 2.83 2.42 2.22
C ASN A 233 3.87 1.29 2.27
N ILE A 234 3.43 0.07 2.02
CA ILE A 234 4.34 -1.07 2.10
C ILE A 234 5.41 -1.06 1.00
N ALA A 235 5.03 -0.64 -0.20
CA ALA A 235 6.00 -0.47 -1.29
C ALA A 235 7.03 0.64 -0.98
N VAL A 236 6.55 1.74 -0.40
CA VAL A 236 7.46 2.79 0.02
C VAL A 236 8.43 2.27 1.06
N ASP A 237 7.93 1.48 2.02
CA ASP A 237 8.80 0.94 3.07
C ASP A 237 9.90 -0.01 2.55
N GLN A 238 9.59 -0.86 1.57
CA GLN A 238 10.58 -1.74 0.97
C GLN A 238 11.73 -0.92 0.40
N LEU A 239 11.38 0.07 -0.41
CA LEU A 239 12.36 0.91 -1.08
C LEU A 239 13.15 1.70 -0.04
N THR A 240 12.47 2.21 0.98
CA THR A 240 13.14 2.94 2.05
C THR A 240 14.22 2.07 2.71
N GLU A 241 13.90 0.83 3.02
CA GLU A 241 14.86 -0.04 3.70
C GLU A 241 16.09 -0.30 2.81
N LYS A 242 15.84 -0.53 1.52
CA LYS A 242 16.93 -0.81 0.60
C LYS A 242 17.84 0.40 0.45
N ILE A 243 17.24 1.57 0.39
CA ILE A 243 18.04 2.78 0.30
C ILE A 243 18.82 2.99 1.58
N HIS A 244 18.21 2.70 2.72
CA HIS A 244 18.91 2.81 3.98
C HIS A 244 20.16 1.90 4.03
N GLN A 245 20.06 0.71 3.46
CA GLN A 245 21.22 -0.22 3.43
C GLN A 245 22.43 0.33 2.70
N THR A 246 22.24 1.32 1.83
CA THR A 246 23.38 1.89 1.12
C THR A 246 24.17 2.84 1.99
N GLY A 247 23.66 3.12 3.19
CA GLY A 247 24.32 4.01 4.12
C GLY A 247 23.93 5.47 3.96
N LEU A 248 22.90 5.75 3.18
CA LEU A 248 22.48 7.13 3.00
C LEU A 248 21.58 7.60 4.14
N LYS A 249 21.42 8.91 4.25
CA LYS A 249 20.53 9.48 5.23
C LYS A 249 19.12 9.63 4.61
N VAL A 250 18.19 8.79 5.06
CA VAL A 250 16.86 8.73 4.49
C VAL A 250 15.81 9.23 5.49
N VAL A 251 14.90 10.07 5.03
CA VAL A 251 13.74 10.44 5.84
C VAL A 251 12.48 9.87 5.23
N ARG A 252 11.79 9.03 5.99
CA ARG A 252 10.51 8.49 5.58
C ARG A 252 9.42 9.40 6.09
N LEU A 253 8.75 10.08 5.17
CA LEU A 253 7.64 10.96 5.55
C LEU A 253 6.34 10.14 5.56
N CYS A 254 5.68 10.09 6.71
CA CYS A 254 4.47 9.29 6.85
C CYS A 254 3.21 10.14 6.92
N ALA A 255 2.10 9.53 6.52
CA ALA A 255 0.79 10.11 6.75
C ALA A 255 0.57 10.39 8.24
N LYS A 256 -0.01 11.55 8.54
CA LYS A 256 -0.34 11.90 9.92
C LYS A 256 -1.17 10.79 10.58
N SER A 257 -2.07 10.22 9.81
CA SER A 257 -2.96 9.17 10.29
C SER A 257 -2.26 7.82 10.46
N ARG A 258 -0.97 7.75 10.17
CA ARG A 258 -0.22 6.50 10.35
C ARG A 258 0.91 6.62 11.36
N GLU A 259 0.95 7.75 12.07
CA GLU A 259 2.05 8.02 13.00
C GLU A 259 2.17 6.97 14.09
N ALA A 260 1.11 6.21 14.33
CA ALA A 260 1.14 5.19 15.35
C ALA A 260 1.14 3.79 14.77
N ILE A 261 1.51 3.66 13.49
CA ILE A 261 1.63 2.35 12.89
C ILE A 261 3.07 1.88 12.94
N ASP A 262 3.28 0.63 13.28
CA ASP A 262 4.62 0.10 13.44
C ASP A 262 5.14 -0.57 12.18
N SER A 263 6.28 -0.10 11.69
CA SER A 263 6.95 -0.71 10.55
C SER A 263 8.42 -0.82 10.85
N PRO A 264 9.14 -1.66 10.08
CA PRO A 264 10.60 -1.80 10.23
C PRO A 264 11.40 -0.55 9.85
N VAL A 265 10.77 0.44 9.24
CA VAL A 265 11.46 1.71 8.97
C VAL A 265 10.90 2.86 9.80
N SER A 266 10.17 2.54 10.86
CA SER A 266 9.64 3.54 11.77
C SER A 266 10.72 4.46 12.31
N PHE A 267 11.88 3.90 12.61
CA PHE A 267 12.98 4.72 13.10
C PHE A 267 13.43 5.81 12.11
N LEU A 268 13.04 5.66 10.85
CA LEU A 268 13.40 6.66 9.84
C LEU A 268 12.29 7.68 9.61
N ALA A 269 11.11 7.40 10.16
CA ALA A 269 9.95 8.26 10.03
C ALA A 269 10.23 9.66 10.56
N LEU A 270 9.82 10.67 9.80
CA LEU A 270 10.12 12.06 10.15
C LEU A 270 9.58 12.42 11.54
N HIS A 271 8.38 11.97 11.84
CA HIS A 271 7.76 12.35 13.10
C HIS A 271 8.53 11.78 14.30
N ASN A 272 9.14 10.61 14.11
CA ASN A 272 9.97 9.99 15.13
C ASN A 272 11.34 10.65 15.24
N GLN A 273 11.93 10.99 14.10
CA GLN A 273 13.24 11.61 14.14
C GLN A 273 13.17 12.94 14.85
N ILE A 274 12.06 13.64 14.70
CA ILE A 274 11.92 14.96 15.32
C ILE A 274 11.83 14.82 16.84
N ARG A 275 11.22 13.73 17.31
CA ARG A 275 11.02 13.54 18.73
C ARG A 275 12.32 13.07 19.41
N ASN A 276 13.23 12.50 18.63
CA ASN A 276 14.54 12.10 19.12
C ASN A 276 15.60 13.17 18.86
N MET A 277 15.16 14.42 18.87
CA MET A 277 16.03 15.53 18.52
C MET A 277 16.30 16.43 19.75
N ASP A 278 17.31 17.30 19.65
CA ASP A 278 17.67 18.20 20.74
C ASP A 278 18.20 19.55 20.23
N SER A 279 17.37 20.61 20.19
CA SER A 279 15.91 20.61 20.43
C SER A 279 15.37 19.90 21.68
N MET A 280 15.75 20.42 22.85
CA MET A 280 15.18 19.95 24.11
C MET A 280 13.84 20.63 24.43
N PRO A 281 13.72 21.94 24.10
CA PRO A 281 12.46 22.65 24.36
C PRO A 281 11.25 22.01 23.66
N GLU A 282 11.39 21.71 22.37
CA GLU A 282 10.30 21.12 21.61
C GLU A 282 10.00 19.70 22.10
N LEU A 283 11.05 19.01 22.53
CA LEU A 283 10.92 17.67 23.06
C LEU A 283 10.18 17.71 24.39
N GLN A 284 10.13 18.91 24.99
CA GLN A 284 9.39 19.14 26.22
C GLN A 284 7.90 19.40 25.96
N LYS A 285 7.63 20.23 24.94
CA LYS A 285 6.26 20.53 24.55
C LYS A 285 5.57 19.31 23.96
N LEU A 286 6.36 18.38 23.41
CA LEU A 286 5.82 17.11 22.93
C LEU A 286 5.47 16.19 24.10
N GLN A 287 6.40 16.05 25.05
CA GLN A 287 6.14 15.25 26.25
C GLN A 287 4.96 15.81 27.03
N GLN A 288 4.62 17.07 26.74
CA GLN A 288 3.51 17.75 27.42
C GLN A 288 2.17 17.51 26.71
N LEU A 289 2.19 17.55 25.38
CA LEU A 289 0.98 17.28 24.61
C LEU A 289 0.67 15.79 24.57
N LYS A 290 1.62 14.97 25.06
CA LYS A 290 1.43 13.53 25.14
C LYS A 290 0.76 13.14 26.46
N GLU A 295 -1.42 21.24 28.90
CA GLU A 295 -1.53 20.46 27.66
C GLU A 295 -2.54 21.07 26.71
N LEU A 296 -2.17 21.15 25.43
CA LEU A 296 -3.01 21.74 24.39
C LEU A 296 -3.01 23.27 24.41
N SER A 297 -2.21 23.87 25.30
CA SER A 297 -2.16 25.31 25.45
C SER A 297 -2.07 26.02 24.10
N SER A 298 -2.79 27.13 23.96
CA SER A 298 -2.91 27.83 22.67
C SER A 298 -1.72 28.73 22.36
N ALA A 299 -1.15 29.34 23.38
CA ALA A 299 0.08 30.12 23.19
C ALA A 299 1.28 29.17 23.07
N ASP A 300 1.22 28.05 23.78
CA ASP A 300 2.27 27.03 23.72
C ASP A 300 2.27 26.29 22.38
N GLU A 301 1.11 26.22 21.73
CA GLU A 301 0.98 25.56 20.44
C GLU A 301 1.62 26.42 19.35
N LYS A 302 1.67 27.72 19.58
CA LYS A 302 2.30 28.65 18.63
C LYS A 302 3.80 28.41 18.57
N ARG A 303 4.45 28.26 19.73
CA ARG A 303 5.87 27.97 19.78
C ARG A 303 6.16 26.53 19.36
N TYR A 304 5.25 25.62 19.72
CA TYR A 304 5.32 24.23 19.29
C TYR A 304 5.44 24.14 17.77
N ARG A 305 4.51 24.77 17.06
CA ARG A 305 4.46 24.74 15.60
C ARG A 305 5.67 25.38 14.94
N ALA A 306 6.02 26.59 15.37
CA ALA A 306 7.19 27.29 14.83
C ALA A 306 8.43 26.42 14.95
N LEU A 307 8.62 25.84 16.12
CA LEU A 307 9.78 24.99 16.39
C LEU A 307 9.71 23.73 15.52
N LYS A 308 8.53 23.14 15.44
CA LYS A 308 8.29 21.95 14.63
C LYS A 308 8.64 22.23 13.18
N ARG A 309 8.15 23.35 12.66
CA ARG A 309 8.46 23.78 11.31
C ARG A 309 9.98 23.96 11.12
N THR A 310 10.66 24.40 12.17
CA THR A 310 12.11 24.57 12.10
C THR A 310 12.83 23.22 12.03
N ALA A 311 12.30 22.24 12.77
CA ALA A 311 12.87 20.89 12.81
C ALA A 311 12.60 20.11 11.52
N GLU A 312 11.39 20.23 10.99
CA GLU A 312 11.00 19.53 9.77
C GLU A 312 11.83 20.09 8.63
N ARG A 313 11.97 21.40 8.62
CA ARG A 313 12.77 22.08 7.62
C ARG A 313 14.22 21.59 7.65
N GLU A 314 14.70 21.27 8.85
CA GLU A 314 16.09 20.84 9.04
C GLU A 314 16.32 19.41 8.55
N LEU A 315 15.49 18.49 9.03
CA LEU A 315 15.65 17.09 8.67
C LEU A 315 15.39 16.85 7.17
N LEU A 316 14.44 17.58 6.60
CA LEU A 316 14.09 17.36 5.21
C LEU A 316 15.14 17.97 4.28
N MET A 317 15.57 19.18 4.57
CA MET A 317 16.56 19.83 3.73
C MET A 317 17.91 19.14 3.75
N ASN A 318 18.25 18.54 4.88
CA ASN A 318 19.52 17.83 5.00
C ASN A 318 19.48 16.35 4.63
N ALA A 319 18.30 15.82 4.31
CA ALA A 319 18.19 14.42 3.90
C ALA A 319 18.79 14.21 2.52
N ASP A 320 19.37 13.04 2.30
CA ASP A 320 19.84 12.66 0.97
C ASP A 320 18.66 12.16 0.15
N VAL A 321 17.72 11.52 0.85
CA VAL A 321 16.53 11.03 0.20
C VAL A 321 15.31 11.19 1.09
N ILE A 322 14.21 11.58 0.48
CA ILE A 322 12.91 11.64 1.15
C ILE A 322 11.98 10.61 0.52
N CYS A 323 11.44 9.71 1.34
CA CYS A 323 10.53 8.66 0.90
C CYS A 323 9.10 8.89 1.39
N CYS A 324 8.14 8.76 0.48
CA CYS A 324 6.75 8.93 0.83
C CYS A 324 5.85 8.29 -0.24
N THR A 325 4.58 8.10 0.07
CA THR A 325 3.62 7.66 -0.93
C THR A 325 3.46 8.77 -1.98
N CYS A 326 2.94 8.41 -3.15
CA CYS A 326 2.67 9.40 -4.18
C CYS A 326 1.78 10.50 -3.65
N VAL A 327 0.71 10.15 -2.93
CA VAL A 327 -0.23 11.14 -2.41
C VAL A 327 0.41 11.92 -1.26
N GLY A 328 1.26 11.22 -0.50
CA GLY A 328 2.00 11.83 0.59
C GLY A 328 2.95 12.91 0.12
N ALA A 329 3.39 12.83 -1.13
CA ALA A 329 4.26 13.85 -1.71
C ALA A 329 3.56 15.22 -1.72
N GLY A 330 2.23 15.22 -1.62
CA GLY A 330 1.47 16.45 -1.68
C GLY A 330 1.31 17.05 -0.30
N ASP A 331 1.96 16.41 0.66
CA ASP A 331 1.91 16.81 2.05
C ASP A 331 2.38 18.25 2.20
N PRO A 332 1.70 19.03 3.06
CA PRO A 332 2.04 20.44 3.29
C PRO A 332 3.48 20.63 3.74
N ARG A 333 4.07 19.66 4.43
CA ARG A 333 5.46 19.79 4.88
C ARG A 333 6.47 19.83 3.72
N LEU A 334 6.08 19.35 2.54
CA LEU A 334 6.95 19.34 1.38
C LEU A 334 6.71 20.48 0.40
N ALA A 335 5.72 21.33 0.66
CA ALA A 335 5.47 22.43 -0.26
C ALA A 335 6.57 23.46 -0.06
N LYS A 336 6.90 24.19 -1.12
CA LYS A 336 8.08 25.06 -1.12
C LYS A 336 9.39 24.26 -1.20
N MET A 337 9.28 22.95 -1.41
CA MET A 337 10.43 22.14 -1.76
C MET A 337 10.36 21.72 -3.22
N GLN A 338 11.51 21.60 -3.84
CA GLN A 338 11.58 21.15 -5.23
C GLN A 338 12.55 19.97 -5.33
N PHE A 339 12.30 19.11 -6.30
CA PHE A 339 13.12 17.93 -6.50
C PHE A 339 13.47 17.76 -7.97
N ARG A 340 14.76 17.79 -8.26
CA ARG A 340 15.26 17.58 -9.60
C ARG A 340 15.06 16.12 -10.02
N SER A 341 15.30 15.20 -9.09
CA SER A 341 15.25 13.78 -9.39
C SER A 341 14.15 13.06 -8.62
N ILE A 342 13.29 12.38 -9.37
CA ILE A 342 12.15 11.72 -8.77
C ILE A 342 12.04 10.30 -9.30
N LEU A 343 11.87 9.36 -8.39
CA LEU A 343 11.66 7.98 -8.80
C LEU A 343 10.37 7.48 -8.15
N ILE A 344 9.54 6.82 -8.96
CA ILE A 344 8.29 6.25 -8.48
C ILE A 344 8.31 4.75 -8.74
N ASP A 345 8.34 3.98 -7.67
CA ASP A 345 8.39 2.51 -7.79
C ASP A 345 6.95 1.99 -7.79
N GLU A 346 6.73 0.82 -8.38
CA GLU A 346 5.38 0.24 -8.48
C GLU A 346 4.39 1.28 -9.00
N SER A 347 4.83 2.10 -9.96
CA SER A 347 4.00 3.18 -10.50
C SER A 347 2.78 2.65 -11.28
N THR A 348 2.84 1.40 -11.73
CA THR A 348 1.72 0.80 -12.46
C THR A 348 0.49 0.54 -11.57
N GLN A 349 0.66 0.69 -10.27
CA GLN A 349 -0.41 0.47 -9.32
C GLN A 349 -1.15 1.78 -8.99
N ALA A 350 -0.80 2.86 -9.69
CA ALA A 350 -1.37 4.16 -9.41
C ALA A 350 -2.04 4.75 -10.64
N THR A 351 -3.06 5.59 -10.44
CA THR A 351 -3.63 6.31 -11.56
C THR A 351 -2.62 7.39 -11.93
N GLU A 352 -2.72 7.90 -13.15
CA GLU A 352 -1.79 8.92 -13.61
C GLU A 352 -1.89 10.18 -12.75
N PRO A 353 -3.11 10.58 -12.37
CA PRO A 353 -3.11 11.80 -11.53
C PRO A 353 -2.49 11.55 -10.16
N GLU A 354 -2.45 10.29 -9.72
CA GLU A 354 -1.76 9.98 -8.48
C GLU A 354 -0.24 10.12 -8.64
N CYS A 355 0.29 9.65 -9.77
CA CYS A 355 1.72 9.84 -10.07
C CYS A 355 2.11 11.30 -10.20
N MET A 356 1.21 12.11 -10.75
CA MET A 356 1.53 13.52 -10.98
C MET A 356 1.70 14.28 -9.67
N VAL A 357 1.22 13.72 -8.55
CA VAL A 357 1.39 14.42 -7.28
C VAL A 357 2.87 14.75 -7.00
N PRO A 358 3.76 13.73 -6.99
CA PRO A 358 5.20 14.04 -6.83
C PRO A 358 5.85 14.69 -8.05
N VAL A 359 5.43 14.33 -9.26
CA VAL A 359 6.05 14.88 -10.47
C VAL A 359 6.07 16.42 -10.53
N VAL A 360 5.02 17.10 -10.02
CA VAL A 360 4.92 18.57 -10.16
C VAL A 360 5.75 19.32 -9.12
N LEU A 361 6.56 18.59 -8.39
CA LEU A 361 7.49 19.19 -7.44
C LEU A 361 8.83 19.54 -8.09
N GLY A 362 8.82 19.78 -9.40
CA GLY A 362 9.98 20.35 -10.09
C GLY A 362 10.86 19.37 -10.85
N ALA A 363 10.29 18.23 -11.24
CA ALA A 363 11.05 17.15 -11.86
C ALA A 363 11.79 17.54 -13.14
N LYS A 364 13.10 17.33 -13.15
CA LYS A 364 13.90 17.45 -14.35
C LYS A 364 14.36 16.05 -14.81
N GLN A 365 14.36 15.10 -13.89
CA GLN A 365 14.68 13.71 -14.19
C GLN A 365 13.69 12.79 -13.47
N LEU A 366 13.03 11.93 -14.25
CA LEU A 366 11.91 11.13 -13.76
C LEU A 366 12.09 9.67 -14.12
N ILE A 367 12.04 8.80 -13.13
CA ILE A 367 12.14 7.36 -13.37
C ILE A 367 10.86 6.68 -12.90
N LEU A 368 10.23 5.90 -13.79
CA LEU A 368 9.02 5.16 -13.43
C LEU A 368 9.29 3.65 -13.49
N VAL A 369 8.88 2.92 -12.46
CA VAL A 369 9.13 1.49 -12.41
C VAL A 369 7.78 0.79 -12.39
N GLY A 370 7.68 -0.33 -13.08
CA GLY A 370 6.40 -0.97 -13.15
C GLY A 370 6.30 -2.36 -13.73
N ASP A 371 5.13 -2.94 -13.56
CA ASP A 371 4.77 -4.22 -14.15
C ASP A 371 3.25 -4.23 -14.26
N HIS A 372 2.74 -4.04 -15.48
CA HIS A 372 1.30 -3.94 -15.69
C HIS A 372 0.62 -5.28 -15.48
N CYS A 373 1.40 -6.35 -15.38
CA CYS A 373 0.81 -7.66 -15.07
C CYS A 373 0.55 -7.85 -13.58
N GLN A 374 1.02 -6.89 -12.78
CA GLN A 374 0.67 -6.90 -11.35
C GLN A 374 -0.45 -5.88 -11.17
N LEU A 375 -0.79 -5.56 -9.93
CA LEU A 375 -2.02 -4.80 -9.66
C LEU A 375 -2.04 -3.41 -10.30
N GLY A 376 -3.22 -3.03 -10.77
CA GLY A 376 -3.43 -1.68 -11.27
C GLY A 376 -4.03 -0.86 -10.15
N PRO A 377 -4.38 0.39 -10.45
CA PRO A 377 -4.97 1.21 -9.38
C PRO A 377 -6.39 0.77 -9.06
N VAL A 378 -6.82 1.05 -7.84
CA VAL A 378 -8.21 0.85 -7.45
C VAL A 378 -9.07 1.97 -8.04
N VAL A 379 -9.99 1.60 -8.92
CA VAL A 379 -10.95 2.57 -9.45
C VAL A 379 -12.34 1.95 -9.42
N MET A 380 -13.17 2.42 -8.49
CA MET A 380 -14.47 1.81 -8.25
C MET A 380 -15.54 2.29 -9.22
N CYS A 381 -15.39 3.51 -9.73
CA CYS A 381 -16.34 4.04 -10.70
C CYS A 381 -16.08 3.52 -12.11
N LYS A 382 -16.80 2.48 -12.50
CA LYS A 382 -16.62 1.84 -13.81
C LYS A 382 -16.65 2.82 -14.99
N LYS A 383 -17.50 3.84 -14.90
CA LYS A 383 -17.58 4.84 -15.95
C LYS A 383 -16.23 5.56 -16.12
N ALA A 384 -15.64 5.99 -14.99
CA ALA A 384 -14.33 6.65 -14.99
C ALA A 384 -13.19 5.72 -15.45
N ALA A 385 -13.14 4.51 -14.91
CA ALA A 385 -12.18 3.50 -15.33
C ALA A 385 -12.17 3.34 -16.83
N LYS A 386 -13.36 3.20 -17.41
CA LYS A 386 -13.50 2.94 -18.84
C LYS A 386 -13.11 4.16 -19.69
N ALA A 387 -13.22 5.35 -19.12
CA ALA A 387 -12.80 6.56 -19.81
C ALA A 387 -11.30 6.84 -19.63
N GLY A 388 -10.60 5.92 -18.94
CA GLY A 388 -9.16 6.00 -18.88
C GLY A 388 -8.47 6.23 -17.55
N LEU A 389 -9.22 6.44 -16.47
CA LEU A 389 -8.59 6.71 -15.18
C LEU A 389 -7.84 5.47 -14.71
N SER A 390 -8.18 4.34 -15.31
CA SER A 390 -7.63 3.05 -14.96
C SER A 390 -6.24 2.83 -15.54
N GLN A 391 -5.88 3.64 -16.54
CA GLN A 391 -4.60 3.53 -17.21
C GLN A 391 -3.55 4.35 -16.47
N SER A 392 -2.48 3.69 -16.04
CA SER A 392 -1.39 4.39 -15.34
C SER A 392 -0.58 5.28 -16.29
N LEU A 393 0.17 6.20 -15.70
CA LEU A 393 1.09 7.03 -16.46
C LEU A 393 2.13 6.17 -17.17
N PHE A 394 2.67 5.19 -16.44
CA PHE A 394 3.66 4.28 -17.02
C PHE A 394 3.12 3.66 -18.31
N GLU A 395 1.91 3.15 -18.27
CA GLU A 395 1.35 2.51 -19.46
C GLU A 395 1.02 3.49 -20.60
N ARG A 396 0.59 4.71 -20.27
CA ARG A 396 0.36 5.70 -21.32
C ARG A 396 1.67 5.98 -22.06
N LEU A 397 2.76 6.15 -21.32
CA LEU A 397 4.03 6.46 -21.94
C LEU A 397 4.54 5.28 -22.78
N VAL A 398 4.24 4.07 -22.36
CA VAL A 398 4.57 2.90 -23.17
C VAL A 398 3.80 2.93 -24.49
N VAL A 399 2.50 3.21 -24.42
CA VAL A 399 1.66 3.30 -25.61
C VAL A 399 2.12 4.45 -26.52
N LEU A 400 2.72 5.47 -25.92
CA LEU A 400 3.18 6.64 -26.64
C LEU A 400 4.50 6.37 -27.36
N GLY A 401 5.16 5.27 -27.02
CA GLY A 401 6.35 4.84 -27.74
C GLY A 401 7.65 4.79 -26.95
N ILE A 402 7.59 5.19 -25.68
CA ILE A 402 8.79 5.12 -24.84
C ILE A 402 9.11 3.65 -24.53
N ARG A 403 10.32 3.21 -24.89
CA ARG A 403 10.71 1.81 -24.71
C ARG A 403 11.23 1.59 -23.30
N PRO A 404 10.55 0.75 -22.53
CA PRO A 404 11.03 0.49 -21.17
C PRO A 404 12.37 -0.28 -21.18
N ILE A 405 13.13 -0.12 -20.12
CA ILE A 405 14.30 -0.93 -19.88
C ILE A 405 13.80 -2.19 -19.17
N ARG A 406 14.23 -3.36 -19.61
CA ARG A 406 13.63 -4.60 -19.14
C ARG A 406 14.55 -5.41 -18.25
N LEU A 407 13.96 -5.96 -17.19
CA LEU A 407 14.62 -6.97 -16.37
C LEU A 407 13.81 -8.24 -16.48
N GLN A 408 14.47 -9.39 -16.50
CA GLN A 408 13.78 -10.63 -16.86
C GLN A 408 14.19 -11.80 -15.98
N VAL A 409 15.30 -11.67 -15.26
CA VAL A 409 15.83 -12.76 -14.47
C VAL A 409 15.46 -12.56 -13.00
N GLN A 410 14.79 -13.55 -12.44
CA GLN A 410 14.18 -13.44 -11.12
C GLN A 410 15.11 -14.01 -10.04
N TYR A 411 15.21 -13.36 -8.88
CA TYR A 411 16.14 -13.82 -7.83
C TYR A 411 15.47 -14.07 -6.50
N ARG A 412 14.15 -14.13 -6.51
CA ARG A 412 13.38 -14.26 -5.28
C ARG A 412 13.06 -15.72 -4.93
N MET A 413 12.50 -16.44 -5.88
CA MET A 413 11.79 -17.67 -5.60
C MET A 413 12.35 -18.94 -6.22
N HIS A 414 12.17 -20.04 -5.49
CA HIS A 414 12.38 -21.41 -5.96
C HIS A 414 11.72 -21.57 -7.33
N PRO A 415 12.46 -22.12 -8.31
CA PRO A 415 11.98 -22.32 -9.69
C PRO A 415 10.56 -22.91 -9.80
N ALA A 416 10.18 -23.78 -8.87
CA ALA A 416 8.85 -24.39 -8.89
C ALA A 416 7.75 -23.36 -8.58
N LEU A 417 8.06 -22.38 -7.74
CA LEU A 417 7.12 -21.31 -7.44
C LEU A 417 6.94 -20.36 -8.63
N SER A 418 7.96 -20.23 -9.48
CA SER A 418 7.90 -19.28 -10.60
C SER A 418 7.27 -19.84 -11.88
N ALA A 419 7.08 -21.16 -11.94
CA ALA A 419 6.64 -21.80 -13.19
C ALA A 419 5.27 -21.34 -13.64
N PHE A 420 4.28 -21.42 -12.77
CA PHE A 420 2.92 -21.06 -13.15
C PHE A 420 2.81 -19.58 -13.56
N PRO A 421 3.33 -18.67 -12.74
CA PRO A 421 3.27 -17.24 -13.09
C PRO A 421 4.03 -16.90 -14.36
N SER A 422 5.25 -17.42 -14.51
CA SER A 422 6.04 -17.14 -15.72
C SER A 422 5.29 -17.53 -16.98
N ASN A 423 4.70 -18.72 -16.98
CA ASN A 423 4.05 -19.22 -18.18
C ASN A 423 2.68 -18.61 -18.42
N ILE A 424 1.98 -18.31 -17.33
CA ILE A 424 0.62 -17.86 -17.45
C ILE A 424 0.53 -16.36 -17.69
N PHE A 425 1.35 -15.60 -16.98
CA PHE A 425 1.27 -14.13 -17.01
C PHE A 425 2.32 -13.45 -17.89
N TYR A 426 3.44 -14.13 -18.16
CA TYR A 426 4.60 -13.49 -18.76
C TYR A 426 5.13 -14.18 -19.99
N GLU A 427 4.32 -15.09 -20.53
CA GLU A 427 4.65 -15.78 -21.77
C GLU A 427 5.99 -16.49 -21.68
N GLY A 428 6.27 -17.06 -20.52
CA GLY A 428 7.51 -17.81 -20.30
C GLY A 428 8.77 -16.97 -20.31
N SER A 429 8.64 -15.64 -20.23
CA SER A 429 9.82 -14.79 -20.32
C SER A 429 10.44 -14.47 -18.96
N LEU A 430 9.82 -14.93 -17.88
CA LEU A 430 10.39 -14.76 -16.56
C LEU A 430 11.38 -15.89 -16.32
N GLN A 431 12.67 -15.57 -16.38
CA GLN A 431 13.72 -16.56 -16.14
C GLN A 431 14.14 -16.60 -14.68
N ASN A 432 14.78 -17.71 -14.30
CA ASN A 432 15.22 -17.89 -12.92
C ASN A 432 16.69 -17.59 -12.75
N GLY A 433 17.01 -16.76 -11.76
CA GLY A 433 18.39 -16.47 -11.40
C GLY A 433 18.85 -17.26 -10.19
N VAL A 434 17.94 -18.04 -9.61
CA VAL A 434 18.30 -18.98 -8.54
C VAL A 434 17.82 -20.38 -8.88
N THR A 435 18.47 -21.37 -8.25
CA THR A 435 18.15 -22.78 -8.48
C THR A 435 17.36 -23.36 -7.33
N ALA A 436 16.99 -24.63 -7.49
CA ALA A 436 16.32 -25.36 -6.43
C ALA A 436 17.22 -25.43 -5.19
N ALA A 437 18.51 -25.68 -5.41
CA ALA A 437 19.47 -25.79 -4.32
C ALA A 437 19.71 -24.48 -3.56
N ASP A 438 19.65 -23.34 -4.27
CA ASP A 438 19.74 -22.04 -3.60
C ASP A 438 18.54 -21.84 -2.68
N ARG A 439 17.49 -22.64 -2.86
CA ARG A 439 16.25 -22.41 -2.12
C ARG A 439 15.80 -23.56 -1.21
N VAL A 440 16.75 -24.26 -0.59
CA VAL A 440 16.43 -25.17 0.52
C VAL A 440 16.77 -24.47 1.82
N LYS A 441 15.77 -24.25 2.66
CA LYS A 441 15.98 -23.54 3.91
C LYS A 441 16.85 -24.36 4.86
N LYS A 442 17.92 -23.74 5.35
CA LYS A 442 18.79 -24.38 6.33
C LYS A 442 18.12 -24.36 7.70
N GLY A 443 18.09 -25.52 8.34
CA GLY A 443 17.48 -25.66 9.65
C GLY A 443 15.97 -25.75 9.57
N PHE A 444 15.48 -26.30 8.46
CA PHE A 444 14.04 -26.34 8.21
C PHE A 444 13.62 -27.77 7.89
N ASP A 445 12.95 -28.42 8.83
CA ASP A 445 12.61 -29.83 8.71
C ASP A 445 11.11 -30.00 8.52
N PHE A 446 10.63 -29.53 7.37
CA PHE A 446 9.22 -29.51 7.07
C PHE A 446 9.01 -30.57 6.01
N GLN A 447 7.86 -31.22 6.05
CA GLN A 447 7.57 -32.29 5.12
C GLN A 447 6.55 -31.81 4.11
N TRP A 448 7.04 -31.48 2.92
CA TRP A 448 6.18 -31.09 1.82
C TRP A 448 5.53 -32.34 1.24
N PRO A 449 4.26 -32.23 0.84
CA PRO A 449 3.58 -33.30 0.09
C PRO A 449 4.50 -33.87 -1.01
N GLN A 450 5.07 -32.97 -1.80
CA GLN A 450 6.05 -33.34 -2.83
C GLN A 450 7.38 -32.69 -2.48
N PRO A 451 8.32 -33.48 -1.94
CA PRO A 451 9.60 -32.98 -1.43
C PRO A 451 10.29 -32.04 -2.40
N ASP A 452 10.11 -32.26 -3.70
CA ASP A 452 10.78 -31.48 -4.73
C ASP A 452 10.01 -30.23 -5.17
N LYS A 453 8.87 -29.97 -4.54
CA LYS A 453 8.02 -28.83 -4.90
C LYS A 453 7.52 -28.14 -3.63
N PRO A 454 8.19 -27.06 -3.22
CA PRO A 454 7.87 -26.47 -1.91
C PRO A 454 6.62 -25.61 -2.01
N MET A 455 5.48 -26.26 -2.25
CA MET A 455 4.19 -25.59 -2.37
C MET A 455 3.08 -26.62 -2.27
N PHE A 456 1.91 -26.20 -1.78
CA PHE A 456 0.69 -27.00 -1.93
C PHE A 456 -0.56 -26.18 -1.64
N PHE A 457 -1.67 -26.62 -2.23
CA PHE A 457 -2.97 -26.02 -2.01
C PHE A 457 -3.75 -26.91 -1.05
N TYR A 458 -3.99 -26.40 0.15
CA TYR A 458 -4.66 -27.14 1.21
C TYR A 458 -6.18 -26.93 1.14
N VAL A 459 -6.90 -27.95 0.66
CA VAL A 459 -8.34 -27.87 0.49
C VAL A 459 -9.09 -27.68 1.82
N THR A 460 -9.88 -26.61 1.86
CA THR A 460 -10.60 -26.23 3.05
C THR A 460 -12.08 -26.04 2.74
N GLN A 461 -12.90 -26.94 3.26
CA GLN A 461 -14.34 -26.85 3.16
C GLN A 461 -14.80 -25.74 4.08
N GLY A 462 -15.77 -24.96 3.65
CA GLY A 462 -16.28 -23.91 4.50
C GLY A 462 -17.16 -22.92 3.77
N GLN A 463 -17.47 -21.83 4.46
CA GLN A 463 -18.21 -20.76 3.82
C GLN A 463 -17.74 -19.39 4.31
N GLU A 464 -17.73 -18.44 3.40
CA GLU A 464 -17.38 -17.07 3.73
C GLU A 464 -18.49 -16.46 4.60
N GLU A 465 -18.11 -15.50 5.44
CA GLU A 465 -19.07 -14.62 6.08
C GLU A 465 -18.75 -13.20 5.65
N ILE A 466 -19.78 -12.36 5.59
CA ILE A 466 -19.56 -10.94 5.43
C ILE A 466 -18.99 -10.37 6.73
N ALA A 467 -17.99 -9.52 6.62
CA ALA A 467 -17.29 -9.01 7.80
C ALA A 467 -17.92 -7.72 8.35
N SER A 468 -17.43 -7.29 9.50
CA SER A 468 -17.93 -6.09 10.18
C SER A 468 -18.20 -4.91 9.24
N SER A 469 -17.34 -4.74 8.23
CA SER A 469 -17.45 -3.62 7.31
C SER A 469 -18.71 -3.64 6.44
N GLY A 470 -19.22 -4.83 6.15
CA GLY A 470 -20.40 -4.95 5.31
C GLY A 470 -20.14 -5.26 3.84
N THR A 471 -18.91 -5.07 3.37
CA THR A 471 -18.57 -5.38 1.97
C THR A 471 -17.36 -6.28 1.84
N SER A 472 -16.76 -6.62 2.97
CA SER A 472 -15.59 -7.48 2.94
C SER A 472 -15.97 -8.85 3.47
N TYR A 473 -15.06 -9.81 3.33
CA TYR A 473 -15.38 -11.17 3.74
C TYR A 473 -14.33 -11.71 4.67
N LEU A 474 -14.74 -12.71 5.45
CA LEU A 474 -13.81 -13.50 6.23
C LEU A 474 -14.25 -14.95 6.13
N ASN A 475 -13.42 -15.86 6.63
CA ASN A 475 -13.68 -17.28 6.50
C ASN A 475 -13.01 -18.01 7.65
N ARG A 476 -13.79 -18.35 8.67
CA ARG A 476 -13.28 -18.86 9.95
C ARG A 476 -12.52 -20.18 9.87
N THR A 477 -12.94 -21.07 8.97
CA THR A 477 -12.26 -22.37 8.84
C THR A 477 -10.85 -22.16 8.34
N GLU A 478 -10.72 -21.40 7.25
CA GLU A 478 -9.42 -21.10 6.65
C GLU A 478 -8.53 -20.41 7.69
N ALA A 479 -9.12 -19.45 8.41
CA ALA A 479 -8.40 -18.78 9.49
C ALA A 479 -7.79 -19.80 10.45
N ALA A 480 -8.60 -20.75 10.90
CA ALA A 480 -8.15 -21.81 11.80
C ALA A 480 -6.96 -22.57 11.21
N ASN A 481 -7.08 -22.95 9.95
CA ASN A 481 -6.02 -23.68 9.26
C ASN A 481 -4.76 -22.86 9.03
N VAL A 482 -4.94 -21.56 8.78
CA VAL A 482 -3.81 -20.67 8.65
C VAL A 482 -2.95 -20.76 9.91
N GLU A 483 -3.60 -20.66 11.07
CA GLU A 483 -2.94 -20.84 12.35
C GLU A 483 -2.24 -22.20 12.48
N LYS A 484 -2.96 -23.29 12.25
CA LYS A 484 -2.34 -24.62 12.28
C LYS A 484 -1.06 -24.66 11.43
N ILE A 485 -1.18 -24.20 10.19
CA ILE A 485 -0.05 -24.21 9.26
C ILE A 485 1.11 -23.37 9.77
N THR A 486 0.81 -22.18 10.29
CA THR A 486 1.81 -21.33 10.90
C THR A 486 2.57 -22.04 12.04
N THR A 487 1.82 -22.73 12.90
CA THR A 487 2.42 -23.50 13.99
C THR A 487 3.36 -24.56 13.43
N LYS A 488 2.86 -25.33 12.45
CA LYS A 488 3.66 -26.35 11.79
C LYS A 488 4.99 -25.77 11.27
N LEU A 489 4.90 -24.65 10.55
CA LEU A 489 6.09 -23.98 10.02
C LEU A 489 7.05 -23.57 11.13
N LEU A 490 6.52 -22.94 12.17
CA LEU A 490 7.35 -22.53 13.31
C LEU A 490 8.03 -23.72 13.98
N LYS A 491 7.28 -24.82 14.09
CA LYS A 491 7.78 -26.02 14.72
C LYS A 491 8.83 -26.70 13.82
N ALA A 492 8.81 -26.39 12.52
CA ALA A 492 9.77 -26.98 11.61
C ALA A 492 11.10 -26.23 11.64
N GLY A 493 11.08 -25.03 12.21
CA GLY A 493 12.30 -24.24 12.34
C GLY A 493 12.20 -22.86 11.72
N ALA A 494 11.09 -22.57 11.07
CA ALA A 494 10.90 -21.25 10.51
C ALA A 494 10.77 -20.23 11.65
N LYS A 495 11.48 -19.12 11.51
CA LYS A 495 11.34 -18.03 12.45
C LYS A 495 10.09 -17.21 12.10
N PRO A 496 9.48 -16.55 13.09
CA PRO A 496 8.29 -15.72 12.82
C PRO A 496 8.51 -14.73 11.67
N ASP A 497 9.67 -14.09 11.62
CA ASP A 497 9.90 -13.03 10.63
C ASP A 497 10.13 -13.57 9.22
N GLN A 498 10.17 -14.91 9.10
CA GLN A 498 10.37 -15.54 7.80
C GLN A 498 9.03 -16.01 7.24
N ILE A 499 7.95 -15.67 7.93
CA ILE A 499 6.62 -16.09 7.53
C ILE A 499 5.72 -14.89 7.28
N GLY A 500 4.96 -14.95 6.19
CA GLY A 500 4.01 -13.91 5.88
C GLY A 500 2.67 -14.54 5.55
N ILE A 501 1.63 -13.90 6.01
CA ILE A 501 0.27 -14.37 5.77
C ILE A 501 -0.47 -13.30 5.02
N ILE A 502 -0.96 -13.65 3.84
CA ILE A 502 -1.67 -12.68 3.02
C ILE A 502 -3.03 -13.22 2.62
N THR A 503 -3.95 -12.30 2.41
CA THR A 503 -5.32 -12.62 2.09
C THR A 503 -5.89 -11.44 1.31
N PRO A 504 -6.78 -11.71 0.35
CA PRO A 504 -7.24 -10.60 -0.49
C PRO A 504 -8.15 -9.64 0.27
N TYR A 505 -8.77 -10.10 1.35
CA TYR A 505 -9.81 -9.30 1.99
C TYR A 505 -9.39 -8.70 3.32
N GLU A 506 -9.82 -7.46 3.55
CA GLU A 506 -9.53 -6.78 4.79
C GLU A 506 -10.18 -7.51 5.97
N GLY A 507 -11.44 -7.90 5.78
CA GLY A 507 -12.17 -8.67 6.79
C GLY A 507 -11.36 -9.83 7.31
N GLN A 508 -10.84 -10.64 6.40
CA GLN A 508 -10.03 -11.78 6.78
C GLN A 508 -8.71 -11.34 7.43
N ARG A 509 -8.13 -10.25 6.94
CA ARG A 509 -6.88 -9.79 7.51
C ARG A 509 -7.07 -9.44 8.98
N SER A 510 -8.10 -8.64 9.26
CA SER A 510 -8.39 -8.20 10.62
C SER A 510 -8.73 -9.39 11.52
N TYR A 511 -9.52 -10.32 10.99
CA TYR A 511 -9.91 -11.48 11.76
C TYR A 511 -8.66 -12.23 12.19
N LEU A 512 -7.74 -12.42 11.26
CA LEU A 512 -6.51 -13.14 11.53
C LEU A 512 -5.66 -12.43 12.57
N VAL A 513 -5.61 -11.10 12.51
CA VAL A 513 -4.90 -10.35 13.53
C VAL A 513 -5.43 -10.68 14.92
N GLN A 514 -6.74 -10.53 15.11
CA GLN A 514 -7.36 -10.73 16.42
C GLN A 514 -7.20 -12.18 16.85
N TYR A 515 -7.57 -13.08 15.96
CA TYR A 515 -7.53 -14.51 16.20
C TYR A 515 -6.14 -15.02 16.61
N MET A 516 -5.11 -14.64 15.89
CA MET A 516 -3.77 -15.20 16.14
C MET A 516 -2.93 -14.38 17.10
N GLN A 517 -3.11 -13.06 17.09
CA GLN A 517 -2.21 -12.17 17.80
C GLN A 517 -2.78 -11.62 19.11
N PHE A 518 -4.11 -11.53 19.21
CA PHE A 518 -4.72 -10.87 20.37
C PHE A 518 -5.73 -11.71 21.16
N SER A 519 -5.72 -13.02 20.93
CA SER A 519 -6.39 -13.92 21.85
C SER A 519 -5.37 -14.32 22.92
N GLY A 520 -5.54 -15.48 23.52
CA GLY A 520 -4.63 -15.90 24.58
C GLY A 520 -3.71 -17.01 24.13
N SER A 521 -3.68 -17.27 22.81
CA SER A 521 -2.88 -18.34 22.22
C SER A 521 -1.56 -18.55 22.94
N LEU A 522 -1.16 -19.82 23.04
CA LEU A 522 0.08 -20.19 23.69
C LEU A 522 1.29 -19.61 22.94
N HIS A 523 1.15 -19.43 21.64
CA HIS A 523 2.25 -18.94 20.82
C HIS A 523 2.02 -17.50 20.35
N THR A 524 1.32 -16.73 21.18
CA THR A 524 0.93 -15.37 20.82
C THR A 524 2.13 -14.48 20.49
N LYS A 525 3.15 -14.51 21.33
CA LYS A 525 4.34 -13.68 21.09
C LYS A 525 5.02 -14.01 19.76
N LEU A 526 5.03 -15.30 19.38
CA LEU A 526 5.56 -15.69 18.08
C LEU A 526 4.68 -15.15 16.97
N TYR A 527 3.38 -15.41 17.07
CA TYR A 527 2.42 -14.97 16.08
C TYR A 527 2.45 -13.46 15.83
N GLN A 528 2.72 -12.69 16.89
CA GLN A 528 2.76 -11.23 16.77
C GLN A 528 3.92 -10.78 15.89
N GLU A 529 4.97 -11.59 15.80
CA GLU A 529 6.09 -11.27 14.93
C GLU A 529 5.87 -11.78 13.51
N VAL A 530 4.67 -12.27 13.24
CA VAL A 530 4.35 -12.79 11.92
C VAL A 530 3.54 -11.74 11.16
N GLU A 531 4.00 -11.34 9.98
CA GLU A 531 3.26 -10.34 9.23
C GLU A 531 1.96 -10.87 8.67
N ILE A 532 0.91 -10.08 8.85
CA ILE A 532 -0.38 -10.38 8.27
C ILE A 532 -0.77 -9.17 7.44
N ALA A 533 -1.27 -9.40 6.23
CA ALA A 533 -1.52 -8.30 5.31
C ALA A 533 -2.44 -8.69 4.17
N SER A 534 -3.11 -7.70 3.58
CA SER A 534 -3.82 -7.97 2.35
C SER A 534 -2.83 -8.22 1.20
N VAL A 535 -3.30 -8.94 0.18
CA VAL A 535 -2.49 -9.17 -1.01
C VAL A 535 -2.08 -7.84 -1.64
N ASP A 536 -3.05 -6.93 -1.77
CA ASP A 536 -2.82 -5.65 -2.45
C ASP A 536 -1.72 -4.80 -1.80
N ALA A 537 -1.70 -4.78 -0.46
CA ALA A 537 -0.74 -4.00 0.29
C ALA A 537 0.66 -4.59 0.14
N PHE A 538 0.70 -5.91 0.04
CA PHE A 538 1.96 -6.64 0.04
C PHE A 538 2.67 -6.69 -1.30
N GLN A 539 2.12 -6.05 -2.33
CA GLN A 539 2.84 -6.01 -3.59
C GLN A 539 4.15 -5.24 -3.39
N GLY A 540 5.26 -5.86 -3.74
CA GLY A 540 6.56 -5.23 -3.56
C GLY A 540 7.34 -5.85 -2.42
N ARG A 541 6.63 -6.53 -1.52
CA ARG A 541 7.28 -7.19 -0.39
C ARG A 541 7.43 -8.70 -0.63
N GLU A 542 8.35 -9.33 0.10
CA GLU A 542 8.58 -10.76 -0.04
C GLU A 542 8.85 -11.38 1.34
N LYS A 543 8.52 -12.66 1.50
CA LYS A 543 8.81 -13.42 2.71
C LYS A 543 9.40 -14.77 2.31
N ASP A 544 10.13 -15.42 3.22
CA ASP A 544 10.65 -16.75 2.91
C ASP A 544 9.50 -17.71 2.67
N PHE A 545 8.50 -17.64 3.54
CA PHE A 545 7.34 -18.51 3.45
C PHE A 545 6.08 -17.70 3.48
N ILE A 546 5.21 -17.99 2.52
CA ILE A 546 3.96 -17.28 2.42
C ILE A 546 2.80 -18.23 2.61
N ILE A 547 1.81 -17.78 3.37
CA ILE A 547 0.52 -18.48 3.46
C ILE A 547 -0.58 -17.59 2.92
N LEU A 548 -1.29 -18.07 1.91
CA LEU A 548 -2.35 -17.30 1.30
C LEU A 548 -3.73 -17.86 1.66
N SER A 549 -4.60 -17.01 2.19
CA SER A 549 -5.97 -17.41 2.50
C SER A 549 -6.92 -16.80 1.47
N CYS A 550 -7.59 -17.64 0.69
CA CYS A 550 -8.41 -17.18 -0.43
C CYS A 550 -9.79 -16.67 -0.03
N VAL A 551 -10.27 -17.11 1.13
CA VAL A 551 -11.53 -16.62 1.70
C VAL A 551 -12.80 -17.03 0.97
N ARG A 552 -12.96 -16.59 -0.26
CA ARG A 552 -14.19 -16.89 -0.99
C ARG A 552 -14.61 -18.36 -0.91
N ALA A 553 -15.87 -18.57 -0.58
CA ALA A 553 -16.42 -19.91 -0.38
C ALA A 553 -17.94 -19.82 -0.27
N ASN A 554 -18.61 -20.08 -1.38
CA ASN A 554 -20.06 -19.97 -1.44
C ASN A 554 -20.61 -20.80 -2.58
N GLU A 555 -21.93 -20.95 -2.63
CA GLU A 555 -22.55 -21.83 -3.61
C GLU A 555 -22.86 -21.10 -4.93
N HIS A 556 -23.29 -19.85 -4.84
CA HIS A 556 -23.66 -19.11 -6.06
C HIS A 556 -23.52 -17.59 -5.94
N GLN A 557 -22.43 -17.11 -5.38
CA GLN A 557 -22.21 -15.68 -5.22
C GLN A 557 -20.93 -15.17 -5.90
N GLY A 558 -20.22 -16.07 -6.59
CA GLY A 558 -19.00 -15.70 -7.30
C GLY A 558 -17.80 -15.53 -6.39
N ILE A 559 -16.72 -14.96 -6.93
CA ILE A 559 -15.50 -14.76 -6.14
C ILE A 559 -14.98 -13.32 -6.15
N GLY A 560 -15.80 -12.40 -6.64
CA GLY A 560 -15.49 -10.98 -6.58
C GLY A 560 -14.23 -10.60 -7.35
N PHE A 561 -13.40 -9.75 -6.74
CA PHE A 561 -12.22 -9.29 -7.44
C PHE A 561 -11.09 -10.33 -7.49
N LEU A 562 -11.35 -11.54 -6.99
CA LEU A 562 -10.43 -12.65 -7.25
C LEU A 562 -10.42 -12.98 -8.73
N ASN A 563 -11.40 -12.43 -9.45
CA ASN A 563 -11.47 -12.57 -10.91
C ASN A 563 -10.32 -11.91 -11.64
N ASP A 564 -9.61 -11.01 -10.96
CA ASP A 564 -8.49 -10.28 -11.54
C ASP A 564 -7.19 -11.09 -11.50
N PRO A 565 -6.67 -11.46 -12.68
CA PRO A 565 -5.45 -12.26 -12.82
C PRO A 565 -4.23 -11.58 -12.17
N ARG A 566 -4.17 -10.26 -12.24
CA ARG A 566 -3.09 -9.49 -11.63
C ARG A 566 -2.96 -9.75 -10.12
N ARG A 567 -4.09 -9.88 -9.45
CA ARG A 567 -4.12 -10.14 -8.02
C ARG A 567 -3.57 -11.54 -7.64
N LEU A 568 -3.93 -12.55 -8.42
CA LEU A 568 -3.42 -13.91 -8.18
C LEU A 568 -1.92 -13.95 -8.43
N ASN A 569 -1.51 -13.30 -9.53
CA ASN A 569 -0.10 -13.17 -9.88
C ASN A 569 0.73 -12.63 -8.72
N VAL A 570 0.31 -11.50 -8.15
CA VAL A 570 1.01 -10.94 -7.01
C VAL A 570 1.01 -11.91 -5.83
N ALA A 571 -0.12 -12.56 -5.59
CA ALA A 571 -0.27 -13.50 -4.49
C ALA A 571 0.63 -14.71 -4.60
N LEU A 572 0.96 -15.12 -5.83
CA LEU A 572 1.76 -16.31 -6.08
C LEU A 572 3.25 -16.00 -6.13
N THR A 573 3.61 -14.72 -6.10
CA THR A 573 5.01 -14.33 -6.34
C THR A 573 5.63 -13.55 -5.15
N ARG A 574 5.16 -13.82 -3.93
CA ARG A 574 5.69 -13.16 -2.74
C ARG A 574 6.71 -14.00 -1.97
N ALA A 575 6.83 -15.29 -2.29
CA ALA A 575 7.64 -16.16 -1.46
C ALA A 575 8.97 -16.54 -2.08
N ARG A 576 9.96 -16.76 -1.23
CA ARG A 576 11.27 -17.19 -1.67
C ARG A 576 11.38 -18.70 -1.61
N TYR A 577 10.97 -19.29 -0.50
CA TYR A 577 11.21 -20.70 -0.23
C TYR A 577 9.96 -21.59 -0.34
N GLY A 578 8.78 -21.06 -0.05
CA GLY A 578 7.60 -21.89 -0.04
C GLY A 578 6.27 -21.15 0.05
N VAL A 579 5.25 -21.73 -0.59
CA VAL A 579 3.92 -21.15 -0.62
C VAL A 579 2.86 -22.18 -0.27
N ILE A 580 2.02 -21.85 0.71
CA ILE A 580 0.91 -22.71 1.05
C ILE A 580 -0.38 -21.95 0.84
N ILE A 581 -1.24 -22.50 -0.01
CA ILE A 581 -2.52 -21.87 -0.29
C ILE A 581 -3.66 -22.59 0.42
N VAL A 582 -4.52 -21.80 1.07
CA VAL A 582 -5.67 -22.34 1.76
C VAL A 582 -6.90 -21.71 1.17
N GLY A 583 -7.80 -22.55 0.66
CA GLY A 583 -9.02 -22.07 0.06
C GLY A 583 -9.99 -23.20 -0.23
N ASN A 584 -11.13 -22.83 -0.83
CA ASN A 584 -12.19 -23.75 -1.18
C ASN A 584 -12.27 -23.88 -2.70
N PRO A 585 -11.82 -25.01 -3.25
CA PRO A 585 -11.79 -25.18 -4.71
C PRO A 585 -13.15 -25.07 -5.35
N LYS A 586 -14.20 -25.34 -4.58
CA LYS A 586 -15.57 -25.35 -5.11
C LYS A 586 -15.97 -24.03 -5.75
N ALA A 587 -15.74 -22.93 -5.04
CA ALA A 587 -16.08 -21.60 -5.55
C ALA A 587 -15.06 -21.07 -6.56
N LEU A 588 -13.77 -21.27 -6.24
CA LEU A 588 -12.66 -20.84 -7.08
C LEU A 588 -12.67 -21.50 -8.47
N SER A 589 -12.97 -22.79 -8.51
CA SER A 589 -12.94 -23.54 -9.76
C SER A 589 -13.87 -22.97 -10.84
N LYS A 590 -14.82 -22.14 -10.43
CA LYS A 590 -15.82 -21.64 -11.38
C LYS A 590 -15.23 -20.57 -12.30
N GLN A 591 -14.08 -20.05 -11.91
CA GLN A 591 -13.36 -19.08 -12.71
C GLN A 591 -12.21 -19.77 -13.42
N PRO A 592 -12.12 -19.58 -14.75
CA PRO A 592 -11.13 -20.23 -15.62
C PRO A 592 -9.69 -20.14 -15.10
N LEU A 593 -9.33 -19.01 -14.50
CA LEU A 593 -7.96 -18.80 -14.06
C LEU A 593 -7.64 -19.65 -12.84
N TRP A 594 -8.52 -19.62 -11.86
CA TRP A 594 -8.31 -20.41 -10.66
C TRP A 594 -8.45 -21.88 -10.94
N ASN A 595 -9.34 -22.22 -11.88
CA ASN A 595 -9.55 -23.59 -12.29
C ASN A 595 -8.26 -24.15 -12.86
N HIS A 596 -7.55 -23.31 -13.59
CA HIS A 596 -6.29 -23.72 -14.21
C HIS A 596 -5.18 -23.88 -13.18
N LEU A 597 -5.16 -22.99 -12.18
CA LEU A 597 -4.19 -23.12 -11.11
C LEU A 597 -4.46 -24.38 -10.29
N LEU A 598 -5.74 -24.69 -10.08
CA LEU A 598 -6.12 -25.89 -9.34
C LEU A 598 -5.76 -27.15 -10.11
N ASN A 599 -6.04 -27.17 -11.41
CA ASN A 599 -5.64 -28.32 -12.20
C ASN A 599 -4.13 -28.45 -12.21
N TYR A 600 -3.43 -27.33 -12.37
CA TYR A 600 -1.98 -27.37 -12.35
C TYR A 600 -1.48 -28.03 -11.07
N TYR A 601 -1.98 -27.58 -9.92
CA TYR A 601 -1.56 -28.18 -8.66
C TYR A 601 -1.93 -29.65 -8.54
N LYS A 602 -3.07 -30.03 -9.11
CA LYS A 602 -3.49 -31.43 -9.09
C LYS A 602 -2.49 -32.28 -9.87
N GLU A 603 -2.17 -31.83 -11.08
CA GLU A 603 -1.19 -32.53 -11.91
C GLU A 603 0.17 -32.60 -11.22
N GLN A 604 0.48 -31.63 -10.36
CA GLN A 604 1.76 -31.62 -9.66
C GLN A 604 1.69 -32.44 -8.38
N LYS A 605 0.49 -32.95 -8.09
CA LYS A 605 0.26 -33.75 -6.90
C LYS A 605 0.43 -32.96 -5.61
N VAL A 606 0.09 -31.68 -5.64
CA VAL A 606 0.19 -30.84 -4.45
C VAL A 606 -1.14 -30.20 -4.08
N LEU A 607 -2.23 -30.75 -4.62
CA LEU A 607 -3.58 -30.42 -4.17
C LEU A 607 -4.01 -31.45 -3.12
N VAL A 608 -4.00 -31.06 -1.85
CA VAL A 608 -4.10 -32.03 -0.78
C VAL A 608 -5.22 -31.75 0.22
N GLU A 609 -5.42 -32.72 1.12
CA GLU A 609 -6.51 -32.74 2.09
C GLU A 609 -6.10 -33.43 3.39
N GLY A 610 -7.00 -33.42 4.37
CA GLY A 610 -6.82 -34.16 5.60
C GLY A 610 -5.98 -33.46 6.66
N PRO A 611 -5.61 -34.19 7.72
CA PRO A 611 -4.76 -33.62 8.78
C PRO A 611 -3.37 -33.26 8.27
N LEU A 612 -2.78 -32.21 8.85
CA LEU A 612 -1.47 -31.74 8.42
C LEU A 612 -0.40 -32.82 8.50
N ASN A 613 -0.36 -33.53 9.62
CA ASN A 613 0.63 -34.58 9.83
C ASN A 613 0.40 -35.82 8.97
N ASN A 614 -0.76 -35.88 8.31
CA ASN A 614 -1.05 -36.98 7.40
C ASN A 614 -1.87 -36.51 6.21
N LEU A 615 -1.24 -35.75 5.32
CA LEU A 615 -1.90 -35.19 4.16
C LEU A 615 -2.12 -36.24 3.08
N ARG A 616 -3.25 -36.16 2.39
CA ARG A 616 -3.54 -37.03 1.27
C ARG A 616 -4.00 -36.18 0.10
N GLU A 617 -3.74 -36.62 -1.13
CA GLU A 617 -4.25 -35.89 -2.28
C GLU A 617 -5.76 -35.76 -2.13
N SER A 618 -6.31 -34.65 -2.60
CA SER A 618 -7.74 -34.46 -2.60
C SER A 618 -8.32 -35.02 -3.89
N LEU A 619 -9.16 -36.04 -3.76
CA LEU A 619 -9.82 -36.64 -4.90
C LEU A 619 -10.95 -35.73 -5.36
N MET A 620 -11.49 -34.95 -4.40
CA MET A 620 -12.60 -34.03 -4.63
C MET A 620 -12.62 -33.36 -6.01
N GLN A 621 -13.78 -33.45 -6.67
CA GLN A 621 -13.94 -32.88 -8.01
C GLN A 621 -14.57 -31.49 -7.95
N PHE A 622 -14.18 -30.63 -8.89
CA PHE A 622 -14.67 -29.25 -8.95
C PHE A 622 -15.05 -28.86 -10.39
N SER A 623 -15.85 -27.82 -10.53
CA SER A 623 -16.31 -27.37 -11.83
C SER A 623 -15.24 -26.58 -12.58
#